data_5EVH
#
_entry.id   5EVH
#
_cell.length_a   45.908
_cell.length_b   45.908
_cell.length_c   140.479
_cell.angle_alpha   90.000
_cell.angle_beta   90.000
_cell.angle_gamma   90.000
#
_symmetry.space_group_name_H-M   'P 41 21 2'
#
loop_
_entity.id
_entity.type
_entity.pdbx_description
1 polymer 'Uncharacterized protein'
2 non-polymer GLYCEROL
3 water water
#
_entity_poly.entity_id   1
_entity_poly.type   'polypeptide(L)'
_entity_poly.pdbx_seq_one_letter_code
;(MSE)HQHSTAALDTALAYHRAWTGRDFDTA(MSE)RHVAGGIVCHAPAGRIDGADAFRAF(MSE)EPFSRILVGSAVLS
AFGDATTALL(MSE)YDTETVPVPHAPAAEHLTVHDGRITQLRIIFDRTPFEQARTARDEGKL
;
_entity_poly.pdbx_strand_id   A
#
# COMPACT_ATOMS: atom_id res chain seq x y z
N SER A 5 -3.92 -22.64 6.40
CA SER A 5 -2.77 -21.72 6.39
C SER A 5 -3.16 -20.27 6.18
N THR A 6 -2.57 -19.45 7.04
CA THR A 6 -2.75 -18.00 7.12
C THR A 6 -1.51 -17.27 6.67
N ALA A 7 -0.54 -17.96 6.04
CA ALA A 7 0.79 -17.38 5.89
C ALA A 7 0.74 -16.08 5.09
N ALA A 8 0.05 -16.09 3.95
CA ALA A 8 0.12 -14.90 3.11
C ALA A 8 -0.57 -13.73 3.79
N LEU A 9 -1.71 -13.98 4.45
CA LEU A 9 -2.40 -12.87 5.11
C LEU A 9 -1.57 -12.34 6.28
N ASP A 10 -0.99 -13.23 7.08
CA ASP A 10 -0.13 -12.77 8.19
C ASP A 10 0.99 -11.86 7.68
N THR A 11 1.62 -12.23 6.54
CA THR A 11 2.66 -11.38 5.97
C THR A 11 2.09 -10.04 5.50
N ALA A 12 0.97 -10.10 4.77
CA ALA A 12 0.32 -8.89 4.28
C ALA A 12 0.00 -7.93 5.41
N LEU A 13 -0.63 -8.44 6.51
CA LEU A 13 -0.98 -7.55 7.62
C LEU A 13 0.28 -7.06 8.39
N ALA A 14 1.32 -7.88 8.50
CA ALA A 14 2.55 -7.42 9.18
C ALA A 14 3.21 -6.29 8.40
N TYR A 15 3.27 -6.45 7.06
CA TYR A 15 3.70 -5.42 6.14
C TYR A 15 2.85 -4.16 6.30
N HIS A 16 1.52 -4.34 6.28
CA HIS A 16 0.62 -3.19 6.33
C HIS A 16 0.81 -2.42 7.63
N ARG A 17 0.92 -3.14 8.75
CA ARG A 17 1.06 -2.50 10.04
C ARG A 17 2.34 -1.65 10.07
N ALA A 18 3.44 -2.24 9.59
CA ALA A 18 4.72 -1.54 9.65
C ALA A 18 4.70 -0.32 8.72
N TRP A 19 4.17 -0.51 7.51
N TRP A 19 4.16 -0.44 7.49
CA TRP A 19 4.13 0.55 6.52
CA TRP A 19 4.24 0.76 6.63
C TRP A 19 3.29 1.71 7.02
C TRP A 19 3.25 1.83 7.03
N THR A 20 2.06 1.45 7.49
CA THR A 20 1.26 2.54 8.02
C THR A 20 1.93 3.13 9.28
N GLY A 21 2.66 2.33 10.09
CA GLY A 21 3.34 2.96 11.25
C GLY A 21 4.66 3.64 10.90
N ARG A 22 5.01 3.71 9.60
CA ARG A 22 6.23 4.41 9.12
C ARG A 22 7.51 3.77 9.64
N ASP A 23 7.41 2.47 9.86
CA ASP A 23 8.51 1.61 10.24
C ASP A 23 8.93 0.88 8.96
N PHE A 24 9.63 1.61 8.05
CA PHE A 24 9.78 1.12 6.68
C PHE A 24 10.82 0.03 6.55
N ASP A 25 11.91 0.14 7.28
CA ASP A 25 12.87 -0.95 7.25
C ASP A 25 12.19 -2.24 7.63
N THR A 26 11.23 -2.18 8.58
CA THR A 26 10.52 -3.40 8.96
C THR A 26 9.57 -3.85 7.85
N ALA A 27 8.83 -2.91 7.26
CA ALA A 27 7.92 -3.26 6.17
C ALA A 27 8.66 -3.90 5.01
N ARG A 29 11.27 -5.71 5.07
CA ARG A 29 11.59 -7.11 5.34
C ARG A 29 10.63 -8.03 4.64
N HIS A 30 9.39 -7.58 4.41
CA HIS A 30 8.39 -8.46 3.87
C HIS A 30 8.24 -8.33 2.37
N VAL A 31 9.15 -7.60 1.71
CA VAL A 31 9.06 -7.31 0.27
C VAL A 31 10.16 -8.08 -0.47
N ALA A 32 9.80 -8.81 -1.52
CA ALA A 32 10.82 -9.49 -2.31
C ALA A 32 11.68 -8.51 -3.10
N GLY A 33 12.96 -8.81 -3.27
CA GLY A 33 13.82 -7.94 -4.10
C GLY A 33 13.28 -7.71 -5.49
N GLY A 34 12.64 -8.72 -6.08
CA GLY A 34 12.12 -8.57 -7.42
C GLY A 34 10.61 -8.29 -7.44
N ILE A 35 10.04 -7.66 -6.39
CA ILE A 35 8.59 -7.42 -6.35
C ILE A 35 8.13 -6.74 -7.65
N VAL A 36 6.96 -7.16 -8.14
CA VAL A 36 6.25 -6.48 -9.21
C VAL A 36 5.03 -5.85 -8.59
N CYS A 37 4.90 -4.52 -8.71
CA CYS A 37 3.78 -3.79 -8.12
C CYS A 37 2.97 -3.17 -9.26
N HIS A 38 1.67 -3.39 -9.29
CA HIS A 38 0.82 -2.72 -10.28
C HIS A 38 0.02 -1.72 -9.49
N ALA A 39 0.21 -0.44 -9.78
CA ALA A 39 -0.42 0.62 -9.00
C ALA A 39 -1.23 1.48 -9.96
N PRO A 40 -2.07 2.42 -9.48
CA PRO A 40 -2.96 3.13 -10.42
C PRO A 40 -2.20 3.89 -11.50
N ALA A 41 -1.03 4.43 -11.20
CA ALA A 41 -0.28 5.17 -12.21
C ALA A 41 0.57 4.27 -13.09
N GLY A 42 0.68 2.96 -12.80
CA GLY A 42 1.43 2.06 -13.66
C GLY A 42 2.24 1.03 -12.88
N ARG A 43 3.13 0.33 -13.61
CA ARG A 43 3.88 -0.81 -13.09
C ARG A 43 5.19 -0.35 -12.45
N ILE A 44 5.56 -0.98 -11.35
CA ILE A 44 6.80 -0.69 -10.62
C ILE A 44 7.55 -2.02 -10.47
N ASP A 45 8.86 -2.02 -10.71
CA ASP A 45 9.63 -3.26 -10.59
C ASP A 45 10.79 -3.14 -9.62
N GLY A 46 10.86 -4.05 -8.66
CA GLY A 46 12.04 -4.13 -7.82
C GLY A 46 11.84 -3.40 -6.51
N ALA A 47 12.47 -3.92 -5.46
CA ALA A 47 12.28 -3.36 -4.14
C ALA A 47 12.69 -1.90 -4.04
N ASP A 48 13.77 -1.48 -4.76
CA ASP A 48 14.17 -0.07 -4.71
C ASP A 48 13.09 0.87 -5.24
N ALA A 49 12.60 0.61 -6.46
CA ALA A 49 11.50 1.41 -7.00
C ALA A 49 10.26 1.27 -6.11
N PHE A 50 10.03 0.09 -5.56
CA PHE A 50 8.83 -0.04 -4.74
C PHE A 50 8.94 0.88 -3.51
N ARG A 51 10.10 0.85 -2.86
CA ARG A 51 10.30 1.70 -1.69
C ARG A 51 10.12 3.17 -2.04
N ALA A 52 10.66 3.61 -3.18
CA ALA A 52 10.50 4.99 -3.59
C ALA A 52 9.04 5.36 -3.79
N PHE A 53 8.15 4.40 -4.07
CA PHE A 53 6.71 4.66 -4.20
C PHE A 53 5.99 4.58 -2.84
N GLU A 55 7.11 4.61 0.37
CA GLU A 55 7.50 5.46 1.48
C GLU A 55 6.79 6.83 1.45
N PRO A 56 6.85 7.63 0.36
CA PRO A 56 6.07 8.89 0.31
C PRO A 56 4.59 8.69 0.56
N PHE A 57 4.07 7.55 0.13
CA PHE A 57 2.65 7.25 0.35
C PHE A 57 2.40 7.15 1.85
N SER A 58 3.19 6.32 2.54
N SER A 58 3.24 6.38 2.54
CA SER A 58 2.92 6.19 3.97
CA SER A 58 3.14 6.28 3.99
C SER A 58 2.94 7.56 4.65
C SER A 58 3.35 7.64 4.66
N ARG A 59 3.88 8.42 4.25
N ARG A 59 4.07 8.55 4.02
CA ARG A 59 4.05 9.71 4.94
CA ARG A 59 4.25 9.84 4.69
C ARG A 59 2.98 10.75 4.63
C ARG A 59 2.97 10.70 4.66
N ILE A 60 2.06 10.49 3.70
CA ILE A 60 0.88 11.35 3.60
C ILE A 60 -0.28 10.75 4.43
N LEU A 61 -0.15 9.53 4.94
CA LEU A 61 -1.20 8.92 5.76
C LEU A 61 -1.19 9.46 7.19
N VAL A 62 -2.36 9.79 7.72
CA VAL A 62 -2.45 10.23 9.13
C VAL A 62 -3.44 9.38 9.91
N GLY A 63 -3.96 8.32 9.29
CA GLY A 63 -4.78 7.34 10.00
C GLY A 63 -5.17 6.27 8.98
N SER A 64 -5.65 5.15 9.49
CA SER A 64 -6.07 4.07 8.57
C SER A 64 -6.81 3.04 9.40
N ALA A 65 -7.53 2.14 8.73
CA ALA A 65 -8.23 1.06 9.40
C ALA A 65 -8.45 -0.01 8.37
N VAL A 66 -8.18 -1.26 8.73
CA VAL A 66 -8.47 -2.40 7.84
C VAL A 66 -9.97 -2.64 7.83
N LEU A 67 -10.57 -2.67 6.65
CA LEU A 67 -12.01 -2.92 6.50
C LEU A 67 -12.31 -4.39 6.26
N SER A 68 -11.39 -5.10 5.59
CA SER A 68 -11.65 -6.50 5.25
C SER A 68 -10.30 -7.11 4.87
N ALA A 69 -10.06 -8.37 5.25
CA ALA A 69 -8.80 -9.01 4.91
C ALA A 69 -8.98 -10.50 4.89
N PHE A 70 -8.47 -11.20 3.84
CA PHE A 70 -8.63 -12.62 3.68
C PHE A 70 -7.37 -13.11 3.04
N GLY A 71 -7.06 -14.38 3.22
CA GLY A 71 -6.03 -14.91 2.35
C GLY A 71 -5.93 -16.42 2.47
N ASP A 72 -5.03 -16.99 1.69
CA ASP A 72 -4.71 -18.42 1.81
C ASP A 72 -3.21 -18.61 1.93
N ALA A 73 -2.69 -19.73 1.44
CA ALA A 73 -1.30 -20.04 1.70
C ALA A 73 -0.39 -19.09 0.95
N THR A 74 -0.82 -18.59 -0.23
CA THR A 74 0.09 -17.81 -1.05
C THR A 74 -0.45 -16.46 -1.51
N THR A 75 -1.73 -16.17 -1.30
CA THR A 75 -2.23 -14.85 -1.71
C THR A 75 -3.09 -14.29 -0.62
N ALA A 76 -3.23 -12.96 -0.66
CA ALA A 76 -4.02 -12.26 0.31
C ALA A 76 -4.71 -11.12 -0.41
N LEU A 77 -5.84 -10.71 0.16
CA LEU A 77 -6.62 -9.63 -0.41
C LEU A 77 -7.08 -8.77 0.77
N LEU A 78 -6.81 -7.48 0.71
CA LEU A 78 -7.30 -6.65 1.81
C LEU A 78 -7.75 -5.29 1.32
N TYR A 80 -8.59 -1.31 3.02
CA TYR A 80 -8.39 -0.49 4.20
C TYR A 80 -8.77 0.94 3.86
N ASP A 81 -9.23 1.66 4.87
CA ASP A 81 -9.45 3.08 4.69
C ASP A 81 -8.14 3.78 5.04
N THR A 82 -7.91 4.94 4.45
CA THR A 82 -6.81 5.80 4.93
C THR A 82 -7.35 7.21 5.11
N GLU A 83 -6.70 7.97 6.02
CA GLU A 83 -6.97 9.40 6.17
C GLU A 83 -5.72 10.13 5.69
N THR A 84 -5.90 11.29 5.02
CA THR A 84 -4.79 12.17 4.63
C THR A 84 -5.22 13.61 4.88
N VAL A 85 -4.27 14.55 4.83
CA VAL A 85 -4.62 15.97 4.98
C VAL A 85 -5.52 16.47 3.85
N PRO A 86 -5.17 16.29 2.56
CA PRO A 86 -6.04 16.82 1.50
C PRO A 86 -7.29 16.03 1.29
N VAL A 87 -7.27 14.74 1.58
CA VAL A 87 -8.40 13.87 1.29
C VAL A 87 -8.78 13.14 2.57
N PRO A 88 -9.95 13.41 3.14
CA PRO A 88 -10.32 12.83 4.45
C PRO A 88 -10.33 11.32 4.45
N HIS A 89 -10.80 10.71 3.37
CA HIS A 89 -10.91 9.23 3.24
C HIS A 89 -10.45 8.83 1.86
N ALA A 90 -9.43 7.98 1.80
CA ALA A 90 -8.89 7.52 0.54
C ALA A 90 -8.69 6.00 0.70
N PRO A 91 -9.74 5.21 0.53
CA PRO A 91 -9.61 3.76 0.74
C PRO A 91 -8.81 3.10 -0.37
N ALA A 92 -8.13 1.98 -0.05
CA ALA A 92 -7.34 1.27 -1.03
C ALA A 92 -7.61 -0.23 -0.91
N ALA A 93 -7.42 -0.97 -1.99
CA ALA A 93 -7.47 -2.44 -1.89
C ALA A 93 -6.17 -3.01 -2.47
N GLU A 94 -5.68 -4.12 -1.88
CA GLU A 94 -4.43 -4.70 -2.32
C GLU A 94 -4.61 -6.19 -2.49
N HIS A 95 -4.03 -6.71 -3.59
CA HIS A 95 -3.99 -8.13 -3.83
C HIS A 95 -2.52 -8.51 -3.78
N LEU A 96 -2.13 -9.38 -2.85
CA LEU A 96 -0.71 -9.70 -2.62
C LEU A 96 -0.45 -11.16 -2.92
N THR A 97 0.70 -11.43 -3.53
CA THR A 97 1.21 -12.78 -3.65
C THR A 97 2.43 -12.90 -2.77
N VAL A 98 2.53 -13.99 -2.01
CA VAL A 98 3.56 -14.08 -0.98
C VAL A 98 4.22 -15.44 -1.10
N HIS A 99 5.55 -15.46 -1.19
CA HIS A 99 6.31 -16.73 -1.24
C HIS A 99 7.39 -16.65 -0.19
N ASP A 100 7.39 -17.65 0.69
CA ASP A 100 8.37 -17.78 1.75
C ASP A 100 8.49 -16.48 2.54
N GLY A 101 7.35 -15.90 2.90
CA GLY A 101 7.35 -14.72 3.76
C GLY A 101 7.63 -13.38 3.06
N ARG A 102 7.80 -13.36 1.75
CA ARG A 102 8.09 -12.13 1.01
C ARG A 102 7.02 -11.89 -0.04
N ILE A 103 6.56 -10.63 -0.13
CA ILE A 103 5.57 -10.21 -1.13
C ILE A 103 6.27 -10.13 -2.48
N THR A 104 5.83 -10.98 -3.43
CA THR A 104 6.48 -10.99 -4.74
C THR A 104 5.64 -10.28 -5.79
N GLN A 105 4.35 -10.04 -5.51
CA GLN A 105 3.49 -9.28 -6.42
C GLN A 105 2.48 -8.53 -5.59
N LEU A 106 2.15 -7.32 -6.02
CA LEU A 106 1.25 -6.46 -5.25
C LEU A 106 0.48 -5.64 -6.26
N ARG A 107 -0.85 -5.80 -6.31
CA ARG A 107 -1.67 -4.92 -7.13
C ARG A 107 -2.49 -4.04 -6.18
N ILE A 108 -2.37 -2.73 -6.33
CA ILE A 108 -3.07 -1.83 -5.41
C ILE A 108 -4.01 -0.91 -6.20
N ILE A 109 -5.24 -0.73 -5.68
CA ILE A 109 -6.26 0.09 -6.36
C ILE A 109 -6.67 1.18 -5.39
N PHE A 110 -6.63 2.44 -5.85
CA PHE A 110 -7.28 3.52 -5.14
C PHE A 110 -7.59 4.62 -6.15
N ASP A 111 -8.48 5.52 -5.75
CA ASP A 111 -8.99 6.54 -6.67
C ASP A 111 -8.07 7.75 -6.53
N ARG A 112 -7.33 8.06 -7.59
CA ARG A 112 -6.47 9.27 -7.59
C ARG A 112 -7.24 10.58 -7.73
N THR A 113 -8.49 10.54 -8.17
N THR A 113 -8.49 10.56 -8.16
CA THR A 113 -9.19 11.79 -8.50
CA THR A 113 -9.09 11.84 -8.53
C THR A 113 -9.22 12.78 -7.35
C THR A 113 -9.28 12.82 -7.37
N PRO A 114 -9.56 12.39 -6.12
CA PRO A 114 -9.66 13.38 -5.05
C PRO A 114 -8.36 14.11 -4.82
N PHE A 115 -7.23 13.42 -4.97
CA PHE A 115 -5.93 14.05 -4.77
C PHE A 115 -5.67 15.08 -5.87
N GLU A 116 -5.87 14.67 -7.11
CA GLU A 116 -5.69 15.59 -8.23
C GLU A 116 -6.60 16.81 -8.10
N GLN A 117 -7.86 16.61 -7.67
CA GLN A 117 -8.77 17.74 -7.48
C GLN A 117 -8.29 18.68 -6.38
N ALA A 118 -7.90 18.11 -5.24
CA ALA A 118 -7.34 18.93 -4.18
C ALA A 118 -6.10 19.68 -4.67
N ARG A 119 -5.24 19.02 -5.46
CA ARG A 119 -3.95 19.59 -5.83
C ARG A 119 -4.11 20.69 -6.87
N THR A 120 -5.00 20.48 -7.84
CA THR A 120 -5.34 21.53 -8.79
C THR A 120 -6.05 22.70 -8.10
N ALA A 121 -6.98 22.42 -7.18
CA ALA A 121 -7.71 23.51 -6.51
C ALA A 121 -6.76 24.38 -5.70
N ARG A 122 -5.87 23.77 -4.90
CA ARG A 122 -4.88 24.55 -4.14
C ARG A 122 -4.03 25.42 -5.06
N ASP A 123 -3.54 24.86 -6.18
CA ASP A 123 -2.52 25.52 -7.02
C ASP A 123 -3.09 26.63 -7.90
N GLU A 124 -4.38 26.57 -8.24
CA GLU A 124 -5.05 27.65 -8.97
C GLU A 124 -5.85 28.59 -8.05
N GLY A 125 -5.90 28.30 -6.75
CA GLY A 125 -6.68 29.10 -5.82
C GLY A 125 -8.12 28.66 -5.78
#